data_8B92
#
_entry.id   8B92
#
_cell.length_a   60.257
_cell.length_b   85.698
_cell.length_c   120.399
_cell.angle_alpha   90.000
_cell.angle_beta   90.000
_cell.angle_gamma   90.000
#
_symmetry.space_group_name_H-M   'P 21 21 21'
#
loop_
_entity.id
_entity.type
_entity.pdbx_description
1 polymer 'Peroxisome proliferator-activated receptor gamma'
2 polymer 'Nuclear receptor corepressor 2'
3 non-polymer 4-chloranyl-6-fluoranyl-~{N}3-[2-fluoranyl-4-(oxetan-3-yl)phenyl]-~{N}1-[(2-methoxyphenyl)methyl]benzene-1,3-dicarboxamide
4 non-polymer 'SULFATE ION'
5 water water
#
loop_
_entity_poly.entity_id
_entity_poly.type
_entity_poly.pdbx_seq_one_letter_code
_entity_poly.pdbx_strand_id
1 'polypeptide(L)'
;GSHMQLNPESADLRALAKHLYDSYIKSFPLTKAKARAILTGKTTDKSPFVIYDMNSLMMGEDKIKFKHITPLQEQSKEVA
IRIFQGCQFRSVEAVQEITEYAKSIPGFVNLDLNDQVTLLKYGVHEIIYTMLASLMNKDGVLISEGQGFMTREFLKSLRK
PFGDFMEPKFEFAVKFNALELDDSDLAIFIAVIILSGDRPGLLNVKPIEDIQDNLLQALELQLKLNHPESSQLFAKLLQK
MTDLRQIVTEHVQLLQVIKKTETDMSLHPLLQEIYKDLY
;
A,B
2 'polypeptide(L)' HASTNMGLEAIIRKALMGKYDQW C,D
#
# COMPACT_ATOMS: atom_id res chain seq x y z
N HIS A 3 19.36 17.80 8.36
CA HIS A 3 20.59 17.91 9.19
C HIS A 3 20.77 16.65 10.05
N MET A 4 21.24 15.55 9.47
CA MET A 4 21.42 14.26 10.18
C MET A 4 22.69 14.32 11.05
N GLN A 5 22.59 13.81 12.26
CA GLN A 5 23.66 13.77 13.27
C GLN A 5 23.77 12.34 13.79
N LEU A 6 24.99 11.93 14.13
CA LEU A 6 25.27 10.63 14.79
C LEU A 6 25.19 10.87 16.30
N ASN A 7 24.02 10.66 16.88
CA ASN A 7 23.70 11.06 18.27
C ASN A 7 23.18 9.81 18.94
N PRO A 8 22.94 9.84 20.27
CA PRO A 8 22.50 8.66 21.00
C PRO A 8 21.25 8.03 20.35
N GLU A 9 20.32 8.87 19.92
CA GLU A 9 19.05 8.39 19.30
C GLU A 9 19.42 7.60 18.03
N SER A 10 20.27 8.15 17.18
CA SER A 10 20.63 7.48 15.89
C SER A 10 21.36 6.17 16.22
N ALA A 11 22.29 6.18 17.18
CA ALA A 11 23.04 4.95 17.51
C ALA A 11 22.09 3.86 17.98
N ASP A 12 21.08 4.22 18.76
CA ASP A 12 20.09 3.24 19.26
C ASP A 12 19.34 2.66 18.05
N LEU A 13 19.06 3.48 17.06
CA LEU A 13 18.35 2.97 15.85
C LEU A 13 19.25 2.04 15.04
N ARG A 14 20.56 2.29 15.00
CA ARG A 14 21.54 1.40 14.32
C ARG A 14 21.69 0.10 15.10
N ALA A 15 21.66 0.16 16.43
CA ALA A 15 21.70 -1.05 17.28
C ALA A 15 20.44 -1.91 17.08
N LEU A 16 19.23 -1.30 16.94
CA LEU A 16 17.99 -2.02 16.63
C LEU A 16 18.09 -2.66 15.22
N ALA A 17 18.59 -1.93 14.26
CA ALA A 17 18.83 -2.44 12.90
C ALA A 17 19.77 -3.65 12.92
N LYS A 18 20.84 -3.61 13.72
CA LYS A 18 21.83 -4.72 13.80
C LYS A 18 21.19 -5.92 14.51
N HIS A 19 20.43 -5.68 15.59
CA HIS A 19 19.66 -6.72 16.29
C HIS A 19 18.75 -7.46 15.28
N LEU A 20 17.99 -6.71 14.49
CA LEU A 20 17.07 -7.33 13.54
C LEU A 20 17.88 -8.09 12.47
N TYR A 21 18.96 -7.51 11.96
CA TYR A 21 19.78 -8.16 10.89
C TYR A 21 20.28 -9.50 11.42
N ASP A 22 20.85 -9.50 12.64
CA ASP A 22 21.43 -10.74 13.22
C ASP A 22 20.34 -11.79 13.37
N SER A 23 19.15 -11.39 13.81
CA SER A 23 18.01 -12.31 14.00
C SER A 23 17.52 -12.86 12.65
N TYR A 24 17.45 -11.98 11.65
CA TYR A 24 17.07 -12.34 10.26
C TYR A 24 17.99 -13.44 9.71
N ILE A 25 19.31 -13.26 9.83
CA ILE A 25 20.39 -14.23 9.46
C ILE A 25 20.15 -15.56 10.18
N LYS A 26 19.77 -15.51 11.45
CA LYS A 26 19.53 -16.72 12.28
C LYS A 26 18.25 -17.42 11.83
N SER A 27 17.20 -16.71 11.43
CA SER A 27 15.87 -17.31 11.23
C SER A 27 15.74 -17.81 9.78
N PHE A 28 16.47 -17.17 8.86
CA PHE A 28 16.31 -17.37 7.40
C PHE A 28 17.62 -17.89 6.84
N PRO A 29 17.76 -19.21 6.66
CA PRO A 29 19.02 -19.79 6.22
C PRO A 29 19.59 -19.19 4.90
N LEU A 30 18.76 -19.07 3.88
CA LEU A 30 19.18 -18.56 2.54
C LEU A 30 18.87 -17.05 2.47
N THR A 31 19.87 -16.24 2.66
CA THR A 31 19.79 -14.76 2.70
C THR A 31 19.63 -14.27 1.26
N LYS A 32 19.30 -13.01 1.07
CA LYS A 32 19.40 -12.46 -0.29
C LYS A 32 20.85 -12.45 -0.80
N ALA A 33 21.84 -12.10 0.02
CA ALA A 33 23.25 -12.07 -0.43
C ALA A 33 23.62 -13.42 -1.05
N LYS A 34 23.32 -14.51 -0.36
CA LYS A 34 23.68 -15.89 -0.81
C LYS A 34 22.84 -16.22 -2.05
N ALA A 35 21.54 -15.88 -2.05
CA ALA A 35 20.66 -16.14 -3.22
C ALA A 35 21.18 -15.41 -4.46
N ARG A 36 21.57 -14.14 -4.35
CA ARG A 36 22.07 -13.34 -5.49
C ARG A 36 23.39 -13.95 -5.99
N ALA A 37 24.26 -14.39 -5.07
CA ALA A 37 25.52 -15.05 -5.42
C ALA A 37 25.22 -16.28 -6.30
N ILE A 38 24.22 -17.07 -5.92
CA ILE A 38 23.84 -18.29 -6.68
C ILE A 38 23.31 -17.87 -8.05
N LEU A 39 22.37 -16.93 -8.06
CA LEU A 39 21.69 -16.51 -9.31
C LEU A 39 22.67 -15.91 -10.31
N THR A 40 23.76 -15.27 -9.88
CA THR A 40 24.69 -14.54 -10.77
C THR A 40 25.96 -15.38 -11.00
N GLY A 41 25.96 -16.63 -10.57
CA GLY A 41 27.06 -17.58 -10.80
C GLY A 41 28.31 -17.13 -10.08
N LYS A 42 28.17 -16.40 -8.97
CA LYS A 42 29.31 -15.81 -8.21
C LYS A 42 29.47 -16.51 -6.88
N THR A 43 29.26 -17.82 -6.79
CA THR A 43 29.40 -18.61 -5.54
C THR A 43 30.25 -19.86 -5.79
N THR A 44 30.89 -20.40 -4.74
CA THR A 44 31.63 -21.68 -4.83
C THR A 44 30.73 -22.85 -4.43
N ASP A 45 29.54 -22.54 -3.93
CA ASP A 45 28.51 -23.53 -3.57
C ASP A 45 28.00 -24.24 -4.83
N LYS A 46 27.24 -25.32 -4.60
CA LYS A 46 26.76 -26.25 -5.65
C LYS A 46 25.86 -25.47 -6.63
N SER A 47 26.07 -25.66 -7.93
CA SER A 47 25.26 -25.02 -8.98
C SER A 47 23.86 -25.63 -8.98
N PRO A 48 22.78 -24.82 -8.87
CA PRO A 48 21.43 -25.34 -8.89
C PRO A 48 21.09 -26.10 -10.16
N PHE A 49 20.33 -27.16 -10.02
CA PHE A 49 19.74 -27.94 -11.13
C PHE A 49 18.57 -27.13 -11.67
N VAL A 50 18.47 -26.96 -12.98
CA VAL A 50 17.44 -26.07 -13.61
C VAL A 50 16.29 -26.94 -14.14
N ILE A 51 15.09 -26.61 -13.69
CA ILE A 51 13.82 -27.15 -14.20
C ILE A 51 13.24 -26.12 -15.17
N TYR A 52 13.26 -26.45 -16.47
CA TYR A 52 12.85 -25.53 -17.55
C TYR A 52 11.80 -26.21 -18.44
N ASP A 53 11.48 -27.48 -18.21
CA ASP A 53 10.48 -28.22 -19.03
C ASP A 53 10.07 -29.49 -18.28
N MET A 54 9.16 -30.27 -18.85
CA MET A 54 8.60 -31.47 -18.14
C MET A 54 9.70 -32.52 -17.95
N ASN A 55 10.61 -32.75 -18.92
CA ASN A 55 11.75 -33.72 -18.81
C ASN A 55 12.70 -33.33 -17.66
N SER A 56 13.04 -32.05 -17.54
CA SER A 56 14.02 -31.61 -16.53
C SER A 56 13.31 -31.61 -15.15
N LEU A 57 12.00 -31.41 -15.11
CA LEU A 57 11.24 -31.59 -13.85
C LEU A 57 11.33 -33.05 -13.42
N MET A 58 11.07 -34.00 -14.33
CA MET A 58 11.07 -35.45 -13.95
C MET A 58 12.48 -35.77 -13.46
N MET A 59 13.53 -35.33 -14.18
CA MET A 59 14.94 -35.53 -13.78
C MET A 59 15.24 -34.82 -12.44
N GLY A 60 14.61 -33.67 -12.20
CA GLY A 60 14.87 -32.84 -11.02
C GLY A 60 14.34 -33.49 -9.75
N GLU A 61 13.14 -34.07 -9.83
CA GLU A 61 12.45 -34.78 -8.72
C GLU A 61 13.42 -35.80 -8.09
N ASP A 62 14.34 -36.37 -8.88
CA ASP A 62 15.40 -37.32 -8.43
C ASP A 62 16.63 -36.55 -7.95
N LYS A 63 17.11 -35.59 -8.75
CA LYS A 63 18.48 -34.98 -8.65
C LYS A 63 18.50 -33.80 -7.67
N ILE A 64 17.33 -33.27 -7.30
CA ILE A 64 17.19 -32.22 -6.26
C ILE A 64 16.67 -32.94 -5.01
N LYS A 65 17.18 -32.60 -3.83
CA LYS A 65 16.86 -33.30 -2.57
C LYS A 65 15.93 -32.40 -1.73
N PHE A 66 14.63 -32.65 -1.80
CA PHE A 66 13.55 -31.87 -1.15
C PHE A 66 13.39 -32.38 0.29
N LYS A 67 12.97 -31.51 1.23
CA LYS A 67 12.73 -31.87 2.66
C LYS A 67 11.41 -32.67 2.79
N HIS A 68 10.43 -32.43 1.91
CA HIS A 68 9.12 -33.13 1.86
C HIS A 68 9.26 -34.51 1.21
N ILE A 69 8.35 -35.44 1.49
CA ILE A 69 8.41 -36.87 1.11
C ILE A 69 7.28 -37.20 0.13
N LYS A 77 -0.04 -37.15 -7.47
CA LYS A 77 -0.26 -37.68 -8.83
C LYS A 77 0.33 -36.72 -9.86
N GLU A 78 -0.50 -35.88 -10.46
CA GLU A 78 -0.26 -34.97 -11.62
C GLU A 78 0.82 -33.93 -11.28
N VAL A 79 1.59 -33.49 -12.28
CA VAL A 79 2.84 -32.71 -12.05
C VAL A 79 2.45 -31.41 -11.30
N ALA A 80 1.47 -30.69 -11.81
CA ALA A 80 1.04 -29.37 -11.31
C ALA A 80 0.71 -29.49 -9.82
N ILE A 81 0.06 -30.59 -9.41
CA ILE A 81 -0.37 -30.81 -8.00
C ILE A 81 0.85 -31.16 -7.15
N ARG A 82 1.78 -31.97 -7.66
CA ARG A 82 2.99 -32.33 -6.89
C ARG A 82 3.80 -31.04 -6.63
N ILE A 83 3.89 -30.16 -7.62
CA ILE A 83 4.65 -28.87 -7.52
C ILE A 83 3.93 -28.01 -6.47
N PHE A 84 2.62 -27.82 -6.59
CA PHE A 84 1.80 -27.04 -5.63
C PHE A 84 1.98 -27.56 -4.19
N GLN A 85 2.17 -28.87 -4.00
CA GLN A 85 2.32 -29.49 -2.67
C GLN A 85 3.70 -29.19 -2.08
N GLY A 86 4.77 -29.24 -2.88
CA GLY A 86 6.10 -28.76 -2.48
C GLY A 86 6.05 -27.28 -2.06
N CYS A 87 5.29 -26.48 -2.78
CA CYS A 87 5.05 -25.03 -2.51
C CYS A 87 4.35 -24.88 -1.15
N GLN A 88 3.26 -25.60 -0.94
CA GLN A 88 2.51 -25.67 0.35
C GLN A 88 3.45 -26.06 1.51
N PHE A 89 4.26 -27.13 1.41
CA PHE A 89 5.24 -27.53 2.46
C PHE A 89 6.21 -26.39 2.79
N ARG A 90 6.83 -25.79 1.77
CA ARG A 90 7.84 -24.73 2.03
C ARG A 90 7.14 -23.57 2.76
N SER A 91 5.90 -23.28 2.42
CA SER A 91 5.12 -22.15 3.01
C SER A 91 4.90 -22.41 4.50
N VAL A 92 4.68 -23.66 4.88
CA VAL A 92 4.56 -24.05 6.32
C VAL A 92 5.88 -23.76 7.00
N GLU A 93 7.03 -24.20 6.45
CA GLU A 93 8.37 -23.91 6.98
C GLU A 93 8.57 -22.39 7.06
N ALA A 94 8.11 -21.63 6.09
CA ALA A 94 8.30 -20.16 6.09
C ALA A 94 7.52 -19.52 7.24
N VAL A 95 6.30 -19.94 7.46
CA VAL A 95 5.50 -19.45 8.63
C VAL A 95 6.30 -19.66 9.93
N GLN A 96 6.95 -20.82 10.11
CA GLN A 96 7.76 -21.07 11.31
C GLN A 96 8.95 -20.12 11.40
N GLU A 97 9.69 -19.94 10.30
CA GLU A 97 10.87 -19.05 10.27
C GLU A 97 10.42 -17.61 10.57
N ILE A 98 9.34 -17.16 9.95
CA ILE A 98 8.87 -15.76 10.12
C ILE A 98 8.40 -15.57 11.57
N THR A 99 7.67 -16.54 12.11
CA THR A 99 7.31 -16.56 13.56
C THR A 99 8.58 -16.43 14.42
N GLU A 100 9.60 -17.25 14.20
CA GLU A 100 10.86 -17.20 14.98
C GLU A 100 11.45 -15.79 14.85
N TYR A 101 11.40 -15.19 13.65
CA TYR A 101 11.94 -13.82 13.49
C TYR A 101 11.11 -12.85 14.32
N ALA A 102 9.79 -12.89 14.21
CA ALA A 102 8.85 -11.99 14.90
C ALA A 102 9.17 -12.00 16.42
N LYS A 103 9.48 -13.18 16.96
CA LYS A 103 9.77 -13.30 18.42
C LYS A 103 11.02 -12.51 18.80
N SER A 104 11.93 -12.25 17.86
CA SER A 104 13.14 -11.43 18.13
C SER A 104 12.86 -9.94 18.00
N ILE A 105 11.72 -9.49 17.52
CA ILE A 105 11.52 -8.02 17.32
C ILE A 105 11.25 -7.43 18.70
N PRO A 106 12.02 -6.48 19.25
CA PRO A 106 11.78 -6.02 20.63
C PRO A 106 10.36 -5.49 20.84
N GLY A 107 9.70 -5.99 21.89
CA GLY A 107 8.31 -5.65 22.23
C GLY A 107 7.31 -6.67 21.74
N PHE A 108 7.61 -7.46 20.70
CA PHE A 108 6.59 -8.34 20.08
C PHE A 108 6.05 -9.39 21.08
N VAL A 109 6.92 -10.14 21.76
CA VAL A 109 6.45 -11.25 22.64
C VAL A 109 5.78 -10.66 23.89
N ASN A 110 5.93 -9.37 24.15
CA ASN A 110 5.27 -8.67 25.29
C ASN A 110 3.86 -8.23 24.89
N LEU A 111 3.45 -8.34 23.61
CA LEU A 111 2.06 -8.08 23.19
C LEU A 111 1.15 -9.23 23.67
N ASP A 112 -0.14 -8.95 23.81
CA ASP A 112 -1.19 -9.98 24.01
C ASP A 112 -1.02 -11.08 22.94
N LEU A 113 -1.02 -12.34 23.35
CA LEU A 113 -0.78 -13.51 22.46
C LEU A 113 -1.75 -13.44 21.28
N ASN A 114 -3.02 -13.14 21.54
CA ASN A 114 -4.03 -13.13 20.46
C ASN A 114 -3.58 -12.10 19.41
N ASP A 115 -2.96 -11.00 19.84
CA ASP A 115 -2.51 -9.95 18.89
C ASP A 115 -1.28 -10.43 18.12
N GLN A 116 -0.33 -11.07 18.80
CA GLN A 116 0.84 -11.70 18.15
C GLN A 116 0.30 -12.65 17.07
N VAL A 117 -0.70 -13.46 17.38
CA VAL A 117 -1.23 -14.45 16.39
C VAL A 117 -1.87 -13.69 15.22
N THR A 118 -2.64 -12.65 15.50
CA THR A 118 -3.32 -11.88 14.44
C THR A 118 -2.28 -11.24 13.52
N LEU A 119 -1.27 -10.61 14.09
CA LEU A 119 -0.20 -9.91 13.32
C LEU A 119 0.45 -10.94 12.39
N LEU A 120 0.75 -12.14 12.89
CA LEU A 120 1.41 -13.14 12.02
C LEU A 120 0.45 -13.67 10.98
N LYS A 121 -0.78 -13.98 11.37
CA LYS A 121 -1.80 -14.52 10.45
C LYS A 121 -1.95 -13.60 9.25
N TYR A 122 -2.06 -12.29 9.45
CA TYR A 122 -2.35 -11.34 8.33
C TYR A 122 -1.05 -10.82 7.70
N GLY A 123 0.10 -11.13 8.28
CA GLY A 123 1.41 -10.61 7.83
C GLY A 123 2.23 -11.65 7.06
N VAL A 124 2.06 -12.94 7.33
CA VAL A 124 3.09 -13.91 6.82
C VAL A 124 3.09 -13.92 5.28
N HIS A 125 1.97 -13.82 4.61
CA HIS A 125 1.96 -13.88 3.14
C HIS A 125 2.67 -12.64 2.57
N GLU A 126 2.46 -11.46 3.11
CA GLU A 126 3.20 -10.27 2.62
C GLU A 126 4.70 -10.52 2.76
N ILE A 127 5.14 -11.13 3.85
CA ILE A 127 6.58 -11.42 4.10
C ILE A 127 7.04 -12.53 3.17
N ILE A 128 6.22 -13.56 2.98
CA ILE A 128 6.57 -14.64 2.02
C ILE A 128 6.92 -14.04 0.64
N TYR A 129 6.13 -13.11 0.09
N TYR A 129 6.01 -13.21 0.06
CA TYR A 129 6.37 -12.65 -1.30
CA TYR A 129 6.17 -12.50 -1.23
C TYR A 129 7.46 -11.58 -1.32
C TYR A 129 7.51 -11.74 -1.21
N THR A 130 7.71 -10.90 -0.19
CA THR A 130 8.91 -10.04 -0.02
C THR A 130 10.13 -10.96 -0.14
N MET A 131 10.14 -12.04 0.63
CA MET A 131 11.35 -12.91 0.73
C MET A 131 11.50 -13.78 -0.51
N LEU A 132 10.40 -14.13 -1.18
CA LEU A 132 10.47 -14.85 -2.49
C LEU A 132 11.21 -13.99 -3.52
N ALA A 133 10.99 -12.67 -3.55
CA ALA A 133 11.67 -11.78 -4.51
C ALA A 133 13.19 -11.95 -4.42
N SER A 134 13.72 -12.15 -3.20
CA SER A 134 15.17 -12.38 -2.96
C SER A 134 15.69 -13.58 -3.77
N LEU A 135 14.83 -14.54 -4.02
CA LEU A 135 15.18 -15.85 -4.63
C LEU A 135 14.83 -15.84 -6.13
N MET A 136 14.33 -14.72 -6.66
CA MET A 136 13.80 -14.64 -8.03
C MET A 136 14.68 -13.74 -8.90
N ASN A 137 14.78 -14.08 -10.18
CA ASN A 137 15.20 -13.09 -11.20
C ASN A 137 14.18 -13.15 -12.34
N LYS A 138 14.42 -12.48 -13.47
CA LYS A 138 13.40 -12.51 -14.54
C LYS A 138 13.20 -13.94 -15.06
N ASP A 139 14.19 -14.83 -14.91
CA ASP A 139 14.20 -16.19 -15.50
C ASP A 139 13.40 -17.17 -14.64
N GLY A 140 13.30 -16.97 -13.34
CA GLY A 140 12.86 -18.05 -12.47
C GLY A 140 13.17 -17.85 -11.01
N VAL A 141 13.00 -18.92 -10.25
CA VAL A 141 13.04 -18.83 -8.76
C VAL A 141 13.89 -19.99 -8.21
N LEU A 142 14.77 -19.68 -7.23
CA LEU A 142 15.52 -20.73 -6.50
C LEU A 142 14.53 -21.54 -5.64
N ILE A 143 14.71 -22.85 -5.64
CA ILE A 143 13.87 -23.80 -4.86
C ILE A 143 14.81 -24.71 -4.07
N SER A 144 14.29 -25.38 -3.06
N SER A 144 14.23 -25.39 -3.09
CA SER A 144 15.05 -26.38 -2.26
CA SER A 144 14.90 -26.34 -2.16
C SER A 144 16.31 -25.74 -1.70
C SER A 144 16.23 -25.76 -1.68
N GLU A 145 16.16 -24.59 -1.04
CA GLU A 145 17.31 -23.87 -0.41
C GLU A 145 18.45 -23.71 -1.41
N GLY A 146 18.15 -23.37 -2.67
CA GLY A 146 19.19 -23.04 -3.63
C GLY A 146 19.72 -24.24 -4.39
N GLN A 147 19.14 -25.43 -4.22
CA GLN A 147 19.65 -26.65 -4.89
C GLN A 147 19.04 -26.73 -6.30
N GLY A 148 17.91 -26.05 -6.51
CA GLY A 148 17.18 -26.09 -7.77
C GLY A 148 16.83 -24.69 -8.22
N PHE A 149 16.43 -24.57 -9.47
CA PHE A 149 15.92 -23.30 -10.05
C PHE A 149 14.81 -23.67 -11.03
N MET A 150 13.60 -23.18 -10.77
CA MET A 150 12.45 -23.48 -11.63
C MET A 150 12.17 -22.23 -12.46
N THR A 151 12.01 -22.36 -13.78
CA THR A 151 11.82 -21.17 -14.62
C THR A 151 10.42 -20.60 -14.47
N ARG A 152 10.34 -19.29 -14.74
CA ARG A 152 9.09 -18.51 -14.69
C ARG A 152 8.14 -19.04 -15.76
N GLU A 153 8.66 -19.30 -16.96
CA GLU A 153 7.82 -19.78 -18.07
C GLU A 153 7.39 -21.23 -17.85
N PHE A 154 8.23 -22.07 -17.23
CA PHE A 154 7.82 -23.45 -16.94
C PHE A 154 6.62 -23.37 -15.96
N LEU A 155 6.74 -22.57 -14.91
CA LEU A 155 5.60 -22.36 -13.98
C LEU A 155 4.35 -21.86 -14.72
N LYS A 156 4.45 -20.87 -15.61
CA LYS A 156 3.30 -20.35 -16.39
C LYS A 156 2.71 -21.44 -17.29
N SER A 157 3.48 -22.46 -17.67
CA SER A 157 3.02 -23.52 -18.58
C SER A 157 2.15 -24.56 -17.84
N LEU A 158 2.12 -24.57 -16.50
CA LEU A 158 1.31 -25.50 -15.71
C LEU A 158 -0.17 -25.23 -16.01
N ARG A 159 -0.99 -26.28 -16.07
CA ARG A 159 -2.41 -26.10 -16.46
C ARG A 159 -3.10 -25.18 -15.43
N LYS A 160 -4.14 -24.47 -15.86
CA LYS A 160 -5.05 -23.69 -14.97
C LYS A 160 -5.53 -24.59 -13.85
N PRO A 161 -5.66 -24.12 -12.58
CA PRO A 161 -5.38 -22.75 -12.18
C PRO A 161 -3.92 -22.53 -11.71
N PHE A 162 -3.06 -23.55 -11.85
CA PHE A 162 -1.68 -23.52 -11.31
C PHE A 162 -0.74 -22.62 -12.12
N GLY A 163 -0.91 -22.50 -13.43
CA GLY A 163 -0.07 -21.67 -14.33
C GLY A 163 -0.01 -20.20 -13.95
N ASP A 164 -1.04 -19.66 -13.31
CA ASP A 164 -1.09 -18.21 -12.95
C ASP A 164 -0.86 -18.02 -11.44
N PHE A 165 -0.48 -19.05 -10.71
CA PHE A 165 -0.31 -19.01 -9.23
C PHE A 165 0.87 -18.10 -8.87
N MET A 166 2.04 -18.31 -9.50
CA MET A 166 3.28 -17.61 -9.11
C MET A 166 3.52 -16.35 -9.96
N GLU A 167 2.82 -16.15 -11.09
CA GLU A 167 3.16 -15.05 -12.04
C GLU A 167 3.01 -13.69 -11.37
N PRO A 168 1.96 -13.36 -10.58
CA PRO A 168 1.92 -12.06 -9.92
C PRO A 168 3.08 -11.81 -8.93
N LYS A 169 3.62 -12.87 -8.34
CA LYS A 169 4.78 -12.79 -7.39
C LYS A 169 6.07 -12.41 -8.18
N PHE A 170 6.21 -12.97 -9.38
CA PHE A 170 7.29 -12.56 -10.31
C PHE A 170 7.12 -11.09 -10.65
N GLU A 171 5.92 -10.68 -11.03
CA GLU A 171 5.68 -9.29 -11.51
C GLU A 171 6.10 -8.33 -10.38
N PHE A 172 5.68 -8.65 -9.18
CA PHE A 172 6.03 -7.87 -7.97
C PHE A 172 7.57 -7.87 -7.81
N ALA A 173 8.17 -9.05 -7.87
CA ALA A 173 9.62 -9.23 -7.60
C ALA A 173 10.49 -8.42 -8.57
N VAL A 174 10.18 -8.46 -9.86
CA VAL A 174 11.03 -7.78 -10.88
C VAL A 174 11.08 -6.29 -10.52
N LYS A 175 9.97 -5.70 -10.16
CA LYS A 175 9.97 -4.25 -9.78
C LYS A 175 10.60 -4.06 -8.39
N PHE A 176 10.29 -4.96 -7.46
CA PHE A 176 10.86 -4.83 -6.09
C PHE A 176 12.38 -4.94 -6.14
N ASN A 177 12.88 -5.95 -6.85
CA ASN A 177 14.34 -6.18 -6.94
C ASN A 177 15.09 -5.04 -7.61
N ALA A 178 14.43 -4.24 -8.44
CA ALA A 178 15.06 -3.07 -9.08
C ALA A 178 15.42 -2.00 -8.03
N LEU A 179 14.87 -2.07 -6.83
CA LEU A 179 15.24 -1.14 -5.71
C LEU A 179 16.58 -1.53 -5.08
N GLU A 180 17.10 -2.74 -5.37
CA GLU A 180 18.43 -3.24 -4.91
C GLU A 180 18.52 -3.18 -3.38
N LEU A 181 17.47 -3.61 -2.67
CA LEU A 181 17.58 -3.71 -1.19
C LEU A 181 18.52 -4.85 -0.82
N ASP A 182 19.19 -4.71 0.30
CA ASP A 182 20.03 -5.79 0.87
C ASP A 182 19.34 -6.36 2.13
N ASP A 183 19.96 -7.37 2.71
CA ASP A 183 19.42 -8.07 3.90
C ASP A 183 19.22 -7.11 5.08
N SER A 184 20.11 -6.16 5.27
CA SER A 184 20.01 -5.17 6.37
C SER A 184 18.74 -4.34 6.16
N ASP A 185 18.45 -4.00 4.91
CA ASP A 185 17.23 -3.22 4.58
C ASP A 185 15.99 -4.11 4.81
N LEU A 186 16.01 -5.35 4.29
CA LEU A 186 14.83 -6.24 4.32
C LEU A 186 14.48 -6.58 5.77
N ALA A 187 15.49 -6.82 6.63
CA ALA A 187 15.24 -7.22 8.04
C ALA A 187 14.32 -6.18 8.67
N ILE A 188 14.58 -4.90 8.43
CA ILE A 188 13.73 -3.84 9.05
C ILE A 188 12.38 -3.75 8.33
N PHE A 189 12.37 -3.79 6.99
CA PHE A 189 11.16 -3.77 6.16
C PHE A 189 10.18 -4.83 6.64
N ILE A 190 10.65 -6.07 6.82
CA ILE A 190 9.79 -7.20 7.25
C ILE A 190 9.26 -6.92 8.66
N ALA A 191 10.09 -6.39 9.57
CA ALA A 191 9.58 -6.07 10.93
C ALA A 191 8.48 -5.02 10.89
N VAL A 192 8.64 -3.98 10.09
CA VAL A 192 7.59 -2.95 9.87
C VAL A 192 6.29 -3.61 9.42
N ILE A 193 6.36 -4.51 8.45
CA ILE A 193 5.13 -5.22 7.96
C ILE A 193 4.46 -5.99 9.12
N ILE A 194 5.21 -6.77 9.87
CA ILE A 194 4.63 -7.59 10.97
C ILE A 194 3.89 -6.66 11.96
N LEU A 195 4.48 -5.53 12.34
CA LEU A 195 3.89 -4.64 13.40
C LEU A 195 2.90 -3.66 12.77
N SER A 196 1.93 -4.16 11.98
CA SER A 196 0.92 -3.29 11.34
C SER A 196 -0.28 -3.20 12.28
N GLY A 197 -0.58 -2.02 12.80
CA GLY A 197 -1.71 -1.82 13.74
C GLY A 197 -3.05 -1.82 13.06
N ASP A 198 -3.13 -2.00 11.75
CA ASP A 198 -4.44 -1.99 11.04
C ASP A 198 -4.92 -3.41 10.73
N ARG A 199 -4.28 -4.47 11.24
CA ARG A 199 -4.79 -5.84 10.95
C ARG A 199 -6.17 -6.00 11.57
N PRO A 200 -7.11 -6.72 10.91
CA PRO A 200 -8.43 -6.94 11.48
C PRO A 200 -8.38 -7.69 12.81
N GLY A 201 -9.21 -7.26 13.76
CA GLY A 201 -9.46 -7.99 15.01
C GLY A 201 -8.39 -7.81 16.06
N LEU A 202 -7.49 -6.83 15.95
CA LEU A 202 -6.47 -6.61 17.01
C LEU A 202 -7.16 -6.06 18.27
N LEU A 203 -6.74 -6.48 19.45
CA LEU A 203 -7.28 -5.98 20.76
C LEU A 203 -6.68 -4.63 21.12
N ASN A 204 -5.36 -4.51 21.06
CA ASN A 204 -4.61 -3.38 21.64
C ASN A 204 -3.67 -2.78 20.58
N VAL A 205 -4.15 -1.78 19.86
CA VAL A 205 -3.48 -1.24 18.64
C VAL A 205 -2.32 -0.34 19.04
N LYS A 206 -2.48 0.52 20.05
CA LYS A 206 -1.49 1.57 20.36
C LYS A 206 -0.11 0.96 20.62
N PRO A 207 0.04 -0.12 21.42
CA PRO A 207 1.37 -0.69 21.66
C PRO A 207 2.03 -1.27 20.41
N ILE A 208 1.22 -1.70 19.45
CA ILE A 208 1.74 -2.16 18.12
C ILE A 208 2.24 -0.95 17.30
N GLU A 209 1.43 0.11 17.23
CA GLU A 209 1.85 1.34 16.54
C GLU A 209 3.12 1.91 17.18
N ASP A 210 3.26 1.87 18.50
CA ASP A 210 4.46 2.44 19.18
C ASP A 210 5.70 1.66 18.69
N ILE A 211 5.60 0.34 18.61
CA ILE A 211 6.76 -0.48 18.16
C ILE A 211 7.00 -0.14 16.68
N GLN A 212 5.95 -0.11 15.88
CA GLN A 212 6.10 0.16 14.44
C GLN A 212 6.73 1.53 14.20
N ASP A 213 6.36 2.55 14.98
N ASP A 213 6.38 2.54 14.99
CA ASP A 213 6.95 3.90 14.87
CA ASP A 213 6.93 3.92 14.86
C ASP A 213 8.48 3.79 14.99
C ASP A 213 8.46 3.85 15.02
N ASN A 214 8.93 3.07 15.99
CA ASN A 214 10.39 2.93 16.25
C ASN A 214 11.03 2.16 15.06
N LEU A 215 10.31 1.18 14.52
CA LEU A 215 10.84 0.40 13.38
C LEU A 215 10.89 1.28 12.12
N LEU A 216 9.88 2.12 11.93
CA LEU A 216 9.84 3.08 10.79
C LEU A 216 11.02 4.03 10.92
N GLN A 217 11.32 4.55 12.12
CA GLN A 217 12.49 5.43 12.28
C GLN A 217 13.74 4.65 11.89
N ALA A 218 13.85 3.40 12.31
CA ALA A 218 15.07 2.58 12.07
C ALA A 218 15.20 2.31 10.56
N LEU A 219 14.06 2.05 9.89
CA LEU A 219 14.07 1.78 8.43
C LEU A 219 14.53 3.04 7.70
N GLU A 220 13.95 4.19 8.02
CA GLU A 220 14.26 5.45 7.33
C GLU A 220 15.75 5.72 7.41
N LEU A 221 16.33 5.56 8.59
CA LEU A 221 17.76 5.80 8.82
C LEU A 221 18.58 4.78 8.05
N GLN A 222 18.18 3.51 8.07
CA GLN A 222 18.86 2.46 7.31
C GLN A 222 18.96 2.86 5.85
N LEU A 223 17.84 3.30 5.28
CA LEU A 223 17.78 3.51 3.81
C LEU A 223 18.55 4.78 3.44
N LYS A 224 18.58 5.80 4.30
CA LYS A 224 19.39 7.02 4.05
C LYS A 224 20.88 6.66 4.07
N LEU A 225 21.32 5.84 5.01
CA LEU A 225 22.75 5.50 5.13
C LEU A 225 23.17 4.55 3.99
N ASN A 226 22.27 3.65 3.55
CA ASN A 226 22.66 2.53 2.68
C ASN A 226 22.39 2.89 1.20
N HIS A 227 21.61 3.95 0.90
CA HIS A 227 21.11 4.24 -0.47
C HIS A 227 21.25 5.72 -0.79
N PRO A 228 22.51 6.17 -1.00
CA PRO A 228 22.80 7.58 -1.22
C PRO A 228 22.15 8.12 -2.50
N GLU A 229 21.83 7.26 -3.47
CA GLU A 229 21.31 7.81 -4.76
C GLU A 229 19.81 7.59 -4.89
N SER A 230 19.12 7.24 -3.81
CA SER A 230 17.64 7.14 -3.84
C SER A 230 17.05 7.89 -2.65
N SER A 231 16.81 9.21 -2.74
CA SER A 231 16.46 10.03 -1.55
C SER A 231 15.06 9.66 -1.07
N GLN A 232 14.16 9.14 -1.92
CA GLN A 232 12.79 8.83 -1.48
C GLN A 232 12.55 7.32 -1.45
N LEU A 233 13.60 6.52 -1.21
CA LEU A 233 13.43 5.04 -1.14
C LEU A 233 12.48 4.64 0.00
N PHE A 234 12.53 5.34 1.13
CA PHE A 234 11.63 5.11 2.29
C PHE A 234 10.16 5.15 1.84
N ALA A 235 9.77 6.24 1.16
CA ALA A 235 8.41 6.40 0.61
C ALA A 235 8.11 5.28 -0.39
N LYS A 236 9.08 4.91 -1.23
CA LYS A 236 8.91 3.83 -2.24
C LYS A 236 8.64 2.50 -1.54
N LEU A 237 9.34 2.21 -0.46
CA LEU A 237 9.10 0.95 0.28
C LEU A 237 7.75 0.95 0.98
N LEU A 238 7.25 2.06 1.50
CA LEU A 238 5.89 2.13 2.11
C LEU A 238 4.85 1.88 1.01
N GLN A 239 5.14 2.36 -0.20
CA GLN A 239 4.31 2.13 -1.40
C GLN A 239 4.27 0.62 -1.69
N LYS A 240 5.38 -0.07 -1.59
CA LYS A 240 5.42 -1.54 -1.84
C LYS A 240 4.61 -2.28 -0.77
N MET A 241 4.70 -1.83 0.50
CA MET A 241 3.92 -2.46 1.60
C MET A 241 2.43 -2.31 1.26
N THR A 242 2.04 -1.14 0.80
CA THR A 242 0.66 -0.93 0.27
C THR A 242 0.37 -1.96 -0.85
N ASP A 243 1.24 -2.10 -1.85
CA ASP A 243 1.00 -3.04 -2.98
C ASP A 243 0.89 -4.49 -2.49
N LEU A 244 1.73 -4.90 -1.53
CA LEU A 244 1.70 -6.30 -1.04
C LEU A 244 0.31 -6.62 -0.50
N ARG A 245 -0.39 -5.64 0.09
CA ARG A 245 -1.78 -5.84 0.62
C ARG A 245 -2.64 -6.43 -0.50
N GLN A 246 -2.62 -5.78 -1.67
CA GLN A 246 -3.46 -6.14 -2.84
C GLN A 246 -3.04 -7.51 -3.36
N ILE A 247 -1.75 -7.74 -3.49
CA ILE A 247 -1.19 -9.04 -3.98
C ILE A 247 -1.72 -10.18 -3.10
N VAL A 248 -1.69 -9.98 -1.79
CA VAL A 248 -2.11 -11.07 -0.85
C VAL A 248 -3.63 -11.27 -0.94
N THR A 249 -4.40 -10.21 -1.19
CA THR A 249 -5.87 -10.28 -1.40
C THR A 249 -6.09 -11.24 -2.57
N GLU A 250 -5.44 -10.97 -3.70
CA GLU A 250 -5.53 -11.83 -4.90
C GLU A 250 -5.04 -13.25 -4.58
N HIS A 251 -3.95 -13.43 -3.81
CA HIS A 251 -3.39 -14.77 -3.49
C HIS A 251 -4.39 -15.62 -2.69
N VAL A 252 -5.04 -15.04 -1.69
CA VAL A 252 -6.00 -15.81 -0.86
C VAL A 252 -7.21 -16.21 -1.72
N GLN A 253 -7.62 -15.41 -2.72
CA GLN A 253 -8.69 -15.75 -3.70
C GLN A 253 -8.30 -16.98 -4.54
N LEU A 254 -7.04 -17.06 -5.00
CA LEU A 254 -6.54 -18.23 -5.77
C LEU A 254 -6.54 -19.43 -4.83
N LEU A 255 -6.13 -19.26 -3.57
CA LEU A 255 -6.03 -20.40 -2.64
C LEU A 255 -7.41 -21.05 -2.47
N GLN A 256 -8.47 -20.26 -2.45
CA GLN A 256 -9.87 -20.73 -2.20
C GLN A 256 -10.30 -21.62 -3.35
N VAL A 257 -10.16 -21.13 -4.59
CA VAL A 257 -10.38 -21.92 -5.85
C VAL A 257 -9.68 -23.27 -5.71
N ILE A 258 -8.35 -23.26 -5.48
CA ILE A 258 -7.47 -24.46 -5.38
C ILE A 258 -7.91 -25.41 -4.23
N LYS A 259 -8.07 -24.90 -3.01
CA LYS A 259 -8.45 -25.75 -1.83
C LYS A 259 -9.78 -26.45 -2.13
N LYS A 260 -10.74 -25.70 -2.67
CA LYS A 260 -12.07 -26.19 -3.12
C LYS A 260 -11.92 -27.30 -4.18
N THR A 261 -11.27 -27.01 -5.32
CA THR A 261 -11.38 -27.70 -6.65
C THR A 261 -10.21 -28.63 -6.99
N GLU A 262 -9.31 -28.94 -6.04
CA GLU A 262 -8.05 -29.69 -6.30
C GLU A 262 -7.55 -30.34 -5.00
N GLN B 5 18.20 27.63 8.81
CA GLN B 5 18.14 28.27 7.46
C GLN B 5 18.17 27.20 6.36
N LEU B 6 17.20 27.23 5.45
CA LEU B 6 17.05 26.28 4.32
C LEU B 6 18.08 26.62 3.24
N ASN B 7 18.69 25.59 2.65
CA ASN B 7 19.61 25.75 1.50
C ASN B 7 18.78 25.89 0.22
N PRO B 8 19.39 26.16 -0.96
CA PRO B 8 18.64 26.30 -2.22
C PRO B 8 17.75 25.10 -2.60
N GLU B 9 18.20 23.85 -2.39
CA GLU B 9 17.35 22.67 -2.67
C GLU B 9 16.07 22.73 -1.81
N SER B 10 16.19 23.05 -0.52
CA SER B 10 15.06 23.10 0.44
C SER B 10 14.17 24.31 0.12
N ALA B 11 14.77 25.46 -0.18
CA ALA B 11 14.00 26.68 -0.56
C ALA B 11 13.14 26.34 -1.78
N ASP B 12 13.69 25.60 -2.75
CA ASP B 12 12.95 25.23 -3.98
C ASP B 12 11.76 24.32 -3.61
N LEU B 13 11.95 23.42 -2.66
CA LEU B 13 10.87 22.50 -2.17
C LEU B 13 9.78 23.34 -1.51
N ARG B 14 10.12 24.41 -0.79
CA ARG B 14 9.09 25.29 -0.18
C ARG B 14 8.33 26.07 -1.28
N ALA B 15 9.03 26.57 -2.31
CA ALA B 15 8.40 27.32 -3.44
C ALA B 15 7.44 26.37 -4.17
N LEU B 16 7.82 25.10 -4.32
CA LEU B 16 6.93 24.09 -4.94
C LEU B 16 5.67 23.88 -4.09
N ALA B 17 5.84 23.64 -2.80
CA ALA B 17 4.72 23.51 -1.83
C ALA B 17 3.80 24.71 -1.96
N LYS B 18 4.37 25.91 -1.99
CA LYS B 18 3.54 27.13 -2.02
C LYS B 18 2.84 27.23 -3.37
N HIS B 19 3.51 26.86 -4.48
CA HIS B 19 2.90 26.90 -5.84
C HIS B 19 1.66 26.00 -5.83
N LEU B 20 1.78 24.80 -5.26
CA LEU B 20 0.68 23.82 -5.21
C LEU B 20 -0.43 24.34 -4.31
N TYR B 21 -0.10 24.91 -3.16
CA TYR B 21 -1.13 25.43 -2.24
C TYR B 21 -1.96 26.49 -2.98
N ASP B 22 -1.30 27.45 -3.62
CA ASP B 22 -1.99 28.56 -4.33
C ASP B 22 -2.91 27.99 -5.42
N SER B 23 -2.43 26.96 -6.14
CA SER B 23 -3.20 26.31 -7.22
C SER B 23 -4.40 25.57 -6.62
N TYR B 24 -4.16 24.90 -5.50
CA TYR B 24 -5.18 24.14 -4.77
C TYR B 24 -6.30 25.08 -4.29
N ILE B 25 -5.95 26.26 -3.77
CA ILE B 25 -6.94 27.30 -3.31
C ILE B 25 -7.81 27.72 -4.51
N LYS B 26 -7.18 27.96 -5.66
CA LYS B 26 -7.86 28.39 -6.92
C LYS B 26 -8.80 27.30 -7.43
N SER B 27 -8.41 26.03 -7.40
CA SER B 27 -9.13 24.94 -8.10
C SER B 27 -10.27 24.43 -7.24
N PHE B 28 -10.14 24.51 -5.92
CA PHE B 28 -11.10 23.89 -4.96
C PHE B 28 -11.68 24.95 -4.04
N PRO B 29 -12.84 25.57 -4.38
CA PRO B 29 -13.36 26.66 -3.56
C PRO B 29 -13.60 26.32 -2.07
N LEU B 30 -14.15 25.15 -1.74
CA LEU B 30 -14.44 24.78 -0.31
C LEU B 30 -13.23 24.02 0.26
N THR B 31 -12.34 24.70 0.94
CA THR B 31 -11.09 24.14 1.51
C THR B 31 -11.41 23.40 2.82
N LYS B 32 -10.46 22.62 3.30
CA LYS B 32 -10.55 22.03 4.65
C LYS B 32 -10.66 23.15 5.72
N ALA B 33 -9.92 24.24 5.60
CA ALA B 33 -9.98 25.32 6.64
C ALA B 33 -11.44 25.81 6.74
N LYS B 34 -12.11 26.08 5.61
CA LYS B 34 -13.49 26.65 5.58
C LYS B 34 -14.48 25.58 6.05
N ALA B 35 -14.26 24.32 5.68
CA ALA B 35 -15.17 23.22 6.08
C ALA B 35 -15.12 23.07 7.60
N ARG B 36 -13.92 23.09 8.14
CA ARG B 36 -13.70 22.86 9.59
C ARG B 36 -14.40 24.00 10.36
N ALA B 37 -14.33 25.21 9.83
CA ALA B 37 -14.90 26.42 10.47
C ALA B 37 -16.41 26.25 10.52
N ILE B 38 -16.99 25.76 9.41
CA ILE B 38 -18.45 25.48 9.36
C ILE B 38 -18.75 24.38 10.37
N LEU B 39 -18.00 23.28 10.35
CA LEU B 39 -18.35 22.08 11.16
C LEU B 39 -18.28 22.41 12.66
N THR B 40 -17.37 23.29 13.09
CA THR B 40 -17.19 23.72 14.50
C THR B 40 -17.93 25.05 14.76
N GLY B 41 -18.88 25.44 13.91
CA GLY B 41 -19.66 26.69 14.02
C GLY B 41 -18.80 27.92 14.33
N LYS B 42 -17.78 28.22 13.51
CA LYS B 42 -16.88 29.40 13.66
C LYS B 42 -17.00 30.33 12.45
N THR B 43 -18.21 30.54 11.92
CA THR B 43 -18.49 31.41 10.75
C THR B 43 -19.63 32.39 11.11
N SER B 47 -24.65 28.91 8.80
CA SER B 47 -24.69 27.67 9.61
C SER B 47 -25.59 26.62 8.96
N PRO B 48 -25.10 25.41 8.66
CA PRO B 48 -25.76 24.57 7.66
C PRO B 48 -27.12 23.98 8.05
N PHE B 49 -27.95 23.77 7.02
CA PHE B 49 -29.24 23.07 7.13
C PHE B 49 -28.93 21.56 7.27
N VAL B 50 -29.43 20.94 8.32
CA VAL B 50 -29.10 19.53 8.65
C VAL B 50 -30.15 18.63 8.02
N ILE B 51 -29.70 17.65 7.24
CA ILE B 51 -30.60 16.65 6.60
C ILE B 51 -30.44 15.34 7.37
N TYR B 52 -31.45 15.08 8.22
CA TYR B 52 -31.59 13.96 9.18
C TYR B 52 -32.44 12.84 8.59
N ASP B 53 -33.36 13.16 7.71
CA ASP B 53 -34.47 12.24 7.33
C ASP B 53 -35.12 12.76 6.03
N MET B 54 -36.20 12.13 5.58
CA MET B 54 -36.91 12.52 4.32
C MET B 54 -37.57 13.89 4.50
N ASN B 55 -38.20 14.12 5.65
CA ASN B 55 -38.84 15.41 6.00
C ASN B 55 -37.81 16.52 5.75
N SER B 56 -36.68 16.48 6.46
CA SER B 56 -35.62 17.52 6.38
C SER B 56 -35.06 17.55 4.95
N LEU B 57 -34.92 16.41 4.25
CA LEU B 57 -34.41 16.46 2.86
C LEU B 57 -35.39 17.26 2.01
N MET B 58 -36.68 16.89 2.08
CA MET B 58 -37.79 17.64 1.43
C MET B 58 -37.61 19.13 1.75
N MET B 59 -37.59 19.47 3.05
CA MET B 59 -37.50 20.86 3.56
C MET B 59 -36.23 21.52 3.03
N GLY B 60 -35.18 20.75 2.72
CA GLY B 60 -34.02 21.18 1.92
C GLY B 60 -34.25 20.94 0.43
N LYS B 77 -36.96 9.38 -9.50
CA LYS B 77 -37.99 9.95 -8.59
C LYS B 77 -37.70 9.51 -7.14
N GLU B 78 -37.52 8.21 -6.90
CA GLU B 78 -37.29 7.65 -5.53
C GLU B 78 -36.01 8.29 -4.94
N VAL B 79 -36.05 8.63 -3.66
CA VAL B 79 -35.06 9.50 -2.96
C VAL B 79 -33.65 8.94 -3.11
N ALA B 80 -33.44 7.64 -2.84
CA ALA B 80 -32.10 7.01 -2.90
C ALA B 80 -31.50 7.29 -4.27
N ILE B 81 -32.31 7.28 -5.32
CA ILE B 81 -31.79 7.36 -6.71
C ILE B 81 -31.52 8.82 -7.05
N ARG B 82 -32.34 9.73 -6.56
CA ARG B 82 -32.11 11.19 -6.70
C ARG B 82 -30.79 11.56 -6.03
N ILE B 83 -30.57 11.09 -4.82
CA ILE B 83 -29.32 11.43 -4.07
C ILE B 83 -28.14 10.86 -4.86
N PHE B 84 -28.24 9.63 -5.34
CA PHE B 84 -27.17 9.01 -6.14
C PHE B 84 -26.89 9.82 -7.41
N GLN B 85 -27.94 10.30 -8.10
CA GLN B 85 -27.74 11.06 -9.37
C GLN B 85 -27.03 12.38 -9.04
N GLY B 86 -27.42 13.04 -7.96
CA GLY B 86 -26.75 14.24 -7.42
C GLY B 86 -25.28 13.93 -7.10
N CYS B 87 -25.02 12.78 -6.47
CA CYS B 87 -23.64 12.36 -6.13
C CYS B 87 -22.86 12.24 -7.44
N GLN B 88 -23.48 11.69 -8.48
CA GLN B 88 -22.84 11.46 -9.79
C GLN B 88 -22.50 12.80 -10.43
N PHE B 89 -23.44 13.75 -10.47
CA PHE B 89 -23.26 15.11 -11.04
C PHE B 89 -22.11 15.82 -10.30
N ARG B 90 -22.08 15.80 -8.97
CA ARG B 90 -20.99 16.46 -8.19
C ARG B 90 -19.63 15.82 -8.54
N SER B 91 -19.60 14.52 -8.81
CA SER B 91 -18.36 13.75 -9.09
C SER B 91 -17.80 14.19 -10.44
N VAL B 92 -18.63 14.54 -11.42
CA VAL B 92 -18.15 15.08 -12.72
C VAL B 92 -17.45 16.42 -12.48
N GLU B 93 -18.08 17.28 -11.67
CA GLU B 93 -17.52 18.58 -11.25
C GLU B 93 -16.16 18.34 -10.57
N ALA B 94 -16.07 17.37 -9.65
CA ALA B 94 -14.81 17.09 -8.92
C ALA B 94 -13.73 16.64 -9.90
N VAL B 95 -14.03 15.78 -10.87
CA VAL B 95 -13.05 15.36 -11.92
C VAL B 95 -12.54 16.60 -12.67
N GLN B 96 -13.38 17.58 -12.98
CA GLN B 96 -12.95 18.79 -13.73
C GLN B 96 -12.04 19.64 -12.84
N GLU B 97 -12.37 19.83 -11.57
CA GLU B 97 -11.54 20.62 -10.63
C GLU B 97 -10.18 19.91 -10.46
N ILE B 98 -10.19 18.59 -10.28
CA ILE B 98 -8.91 17.84 -10.07
C ILE B 98 -8.06 17.94 -11.34
N THR B 99 -8.68 17.83 -12.51
CA THR B 99 -7.97 17.94 -13.80
C THR B 99 -7.35 19.33 -13.92
N GLU B 100 -8.08 20.38 -13.55
CA GLU B 100 -7.53 21.76 -13.53
C GLU B 100 -6.32 21.81 -12.59
N TYR B 101 -6.49 21.23 -11.42
CA TYR B 101 -5.39 21.26 -10.43
C TYR B 101 -4.17 20.51 -10.99
N ALA B 102 -4.38 19.36 -11.63
CA ALA B 102 -3.30 18.53 -12.21
C ALA B 102 -2.46 19.38 -13.17
N LYS B 103 -3.10 20.23 -13.98
CA LYS B 103 -2.39 21.04 -15.01
C LYS B 103 -1.40 21.98 -14.33
N SER B 104 -1.56 22.29 -13.04
CA SER B 104 -0.68 23.24 -12.30
C SER B 104 0.55 22.54 -11.73
N ILE B 105 0.55 21.20 -11.71
CA ILE B 105 1.66 20.46 -11.10
C ILE B 105 2.83 20.53 -12.07
N PRO B 106 3.99 21.10 -11.67
CA PRO B 106 5.12 21.25 -12.56
C PRO B 106 5.51 19.94 -13.24
N GLY B 107 5.53 19.96 -14.58
CA GLY B 107 5.90 18.81 -15.42
C GLY B 107 4.73 17.96 -15.86
N PHE B 108 3.55 18.07 -15.25
CA PHE B 108 2.40 17.21 -15.60
C PHE B 108 2.03 17.42 -17.08
N VAL B 109 1.81 18.68 -17.51
CA VAL B 109 1.34 18.87 -18.91
C VAL B 109 2.46 18.59 -19.92
N ASN B 110 3.69 18.34 -19.49
CA ASN B 110 4.77 17.97 -20.42
C ASN B 110 4.81 16.45 -20.62
N LEU B 111 4.01 15.68 -19.89
CA LEU B 111 3.97 14.22 -20.06
C LEU B 111 3.19 13.92 -21.35
N ASP B 112 3.40 12.72 -21.87
CA ASP B 112 2.52 12.15 -22.92
C ASP B 112 1.05 12.37 -22.54
N LEU B 113 0.23 12.91 -23.45
CA LEU B 113 -1.19 13.23 -23.14
C LEU B 113 -1.93 11.96 -22.70
N ASN B 114 -1.68 10.79 -23.30
CA ASN B 114 -2.39 9.54 -22.94
C ASN B 114 -2.04 9.19 -21.49
N ASP B 115 -0.83 9.42 -21.06
CA ASP B 115 -0.44 9.15 -19.63
C ASP B 115 -1.11 10.19 -18.72
N GLN B 116 -1.20 11.47 -19.13
CA GLN B 116 -2.01 12.46 -18.33
C GLN B 116 -3.40 11.90 -18.09
N VAL B 117 -4.06 11.44 -19.17
CA VAL B 117 -5.41 10.89 -19.07
C VAL B 117 -5.41 9.67 -18.15
N THR B 118 -4.47 8.75 -18.31
CA THR B 118 -4.43 7.50 -17.50
C THR B 118 -4.21 7.89 -16.03
N LEU B 119 -3.33 8.82 -15.77
CA LEU B 119 -3.07 9.24 -14.35
C LEU B 119 -4.36 9.75 -13.73
N LEU B 120 -5.09 10.63 -14.43
CA LEU B 120 -6.33 11.21 -13.86
C LEU B 120 -7.39 10.10 -13.78
N LYS B 121 -7.55 9.28 -14.82
CA LYS B 121 -8.56 8.20 -14.82
C LYS B 121 -8.46 7.34 -13.52
N TYR B 122 -7.26 6.89 -13.20
CA TYR B 122 -6.98 5.95 -12.08
C TYR B 122 -6.69 6.69 -10.77
N GLY B 123 -6.58 8.02 -10.79
CA GLY B 123 -6.25 8.85 -9.62
C GLY B 123 -7.47 9.54 -9.04
N VAL B 124 -8.50 9.83 -9.83
CA VAL B 124 -9.56 10.77 -9.34
C VAL B 124 -10.34 10.23 -8.14
N HIS B 125 -10.66 8.94 -8.04
CA HIS B 125 -11.41 8.39 -6.87
C HIS B 125 -10.56 8.53 -5.61
N GLU B 126 -9.28 8.17 -5.69
CA GLU B 126 -8.35 8.35 -4.56
C GLU B 126 -8.44 9.80 -4.06
N ILE B 127 -8.40 10.74 -5.00
CA ILE B 127 -8.35 12.17 -4.64
C ILE B 127 -9.73 12.59 -4.11
N ILE B 128 -10.81 12.22 -4.81
CA ILE B 128 -12.17 12.58 -4.33
C ILE B 128 -12.32 12.13 -2.88
N TYR B 129 -11.92 10.91 -2.50
CA TYR B 129 -12.22 10.41 -1.13
C TYR B 129 -11.22 10.95 -0.11
N THR B 130 -10.01 11.32 -0.52
CA THR B 130 -9.09 12.08 0.35
C THR B 130 -9.76 13.41 0.65
N MET B 131 -10.22 14.12 -0.36
CA MET B 131 -10.72 15.51 -0.20
C MET B 131 -12.10 15.50 0.49
N LEU B 132 -12.92 14.48 0.26
CA LEU B 132 -14.22 14.33 0.92
C LEU B 132 -14.01 14.23 2.44
N ALA B 133 -12.88 13.67 2.92
CA ALA B 133 -12.63 13.60 4.38
C ALA B 133 -12.62 15.02 4.99
N SER B 134 -12.18 16.03 4.23
CA SER B 134 -12.10 17.44 4.67
C SER B 134 -13.50 17.92 5.06
N LEU B 135 -14.53 17.41 4.39
CA LEU B 135 -15.94 17.85 4.53
C LEU B 135 -16.72 16.94 5.51
N MET B 136 -16.06 15.96 6.13
CA MET B 136 -16.73 14.92 6.95
C MET B 136 -16.30 15.03 8.42
N ASN B 137 -17.21 14.70 9.31
CA ASN B 137 -16.87 14.25 10.68
C ASN B 137 -17.58 12.92 10.90
N LYS B 138 -17.53 12.36 12.09
CA LYS B 138 -18.06 11.00 12.35
C LYS B 138 -19.59 11.00 12.19
N ASP B 139 -20.23 12.18 12.20
CA ASP B 139 -21.72 12.30 12.20
C ASP B 139 -22.30 12.67 10.83
N GLY B 140 -21.51 13.10 9.83
CA GLY B 140 -22.07 13.49 8.53
C GLY B 140 -21.11 14.30 7.67
N VAL B 141 -21.64 14.82 6.57
CA VAL B 141 -20.81 15.42 5.48
C VAL B 141 -21.46 16.72 5.01
N LEU B 142 -20.65 17.76 4.88
CA LEU B 142 -21.07 19.04 4.24
C LEU B 142 -21.39 18.78 2.78
N ILE B 143 -22.52 19.33 2.33
CA ILE B 143 -22.93 19.33 0.92
C ILE B 143 -23.27 20.76 0.49
N SER B 144 -23.41 20.92 -0.82
CA SER B 144 -23.81 22.18 -1.50
C SER B 144 -22.90 23.31 -1.03
N GLU B 145 -21.58 23.12 -1.16
CA GLU B 145 -20.56 24.13 -0.81
C GLU B 145 -20.79 24.57 0.64
N GLY B 146 -21.16 23.65 1.53
CA GLY B 146 -21.19 23.88 2.98
C GLY B 146 -22.54 24.37 3.49
N GLN B 147 -23.55 24.48 2.63
CA GLN B 147 -24.88 25.01 3.03
C GLN B 147 -25.75 23.93 3.67
N GLY B 148 -25.45 22.65 3.39
CA GLY B 148 -26.18 21.50 3.95
C GLY B 148 -25.23 20.62 4.73
N PHE B 149 -25.78 19.87 5.69
CA PHE B 149 -25.05 18.78 6.40
C PHE B 149 -25.91 17.52 6.33
N MET B 150 -25.44 16.52 5.60
CA MET B 150 -26.22 15.26 5.46
C MET B 150 -25.69 14.26 6.49
N THR B 151 -26.53 13.79 7.38
CA THR B 151 -26.05 12.92 8.49
C THR B 151 -25.66 11.57 7.90
N ARG B 152 -24.65 11.00 8.52
CA ARG B 152 -24.12 9.65 8.23
C ARG B 152 -25.26 8.64 8.38
N GLU B 153 -26.11 8.84 9.39
CA GLU B 153 -27.21 7.91 9.74
C GLU B 153 -28.30 8.04 8.69
N PHE B 154 -28.61 9.25 8.22
CA PHE B 154 -29.53 9.42 7.08
C PHE B 154 -29.03 8.65 5.84
N LEU B 155 -27.75 8.76 5.51
CA LEU B 155 -27.21 8.11 4.30
C LEU B 155 -27.25 6.59 4.51
N LYS B 156 -26.97 6.10 5.72
CA LYS B 156 -27.02 4.65 6.06
C LYS B 156 -28.47 4.15 5.93
N SER B 157 -29.44 5.05 6.02
CA SER B 157 -30.90 4.78 6.07
C SER B 157 -31.44 4.54 4.67
N LEU B 158 -30.68 4.88 3.63
CA LEU B 158 -31.17 4.73 2.24
C LEU B 158 -31.23 3.23 1.93
N ARG B 159 -32.15 2.84 1.06
CA ARG B 159 -32.42 1.40 0.83
C ARG B 159 -31.15 0.81 0.22
N LYS B 160 -30.85 -0.43 0.56
CA LYS B 160 -29.70 -1.15 -0.04
C LYS B 160 -29.87 -1.18 -1.54
N PRO B 161 -28.79 -1.06 -2.35
CA PRO B 161 -27.43 -0.92 -1.84
C PRO B 161 -26.93 0.53 -1.60
N PHE B 162 -27.79 1.54 -1.76
CA PHE B 162 -27.40 2.97 -1.62
C PHE B 162 -27.02 3.30 -0.18
N GLY B 163 -27.62 2.65 0.81
CA GLY B 163 -27.30 2.82 2.25
C GLY B 163 -25.87 2.44 2.63
N ASP B 164 -25.18 1.69 1.78
CA ASP B 164 -23.82 1.17 2.06
C ASP B 164 -22.81 1.90 1.18
N PHE B 165 -23.25 2.89 0.42
CA PHE B 165 -22.40 3.52 -0.61
C PHE B 165 -21.33 4.44 0.03
N MET B 166 -21.73 5.29 0.97
CA MET B 166 -20.83 6.31 1.56
C MET B 166 -20.23 5.87 2.90
N GLU B 167 -20.83 4.87 3.58
CA GLU B 167 -20.38 4.45 4.92
C GLU B 167 -18.89 4.09 4.94
N PRO B 168 -18.30 3.30 4.01
CA PRO B 168 -16.85 3.07 4.04
C PRO B 168 -15.97 4.31 3.94
N LYS B 169 -16.48 5.38 3.32
CA LYS B 169 -15.73 6.65 3.13
C LYS B 169 -15.72 7.35 4.48
N PHE B 170 -16.81 7.25 5.24
CA PHE B 170 -16.88 7.83 6.61
C PHE B 170 -15.85 7.11 7.49
N GLU B 171 -15.76 5.78 7.39
CA GLU B 171 -14.83 4.98 8.25
C GLU B 171 -13.39 5.40 7.93
N PHE B 172 -13.09 5.54 6.63
CA PHE B 172 -11.79 6.03 6.12
C PHE B 172 -11.54 7.45 6.63
N ALA B 173 -12.52 8.34 6.48
CA ALA B 173 -12.39 9.77 6.84
C ALA B 173 -12.06 9.94 8.34
N VAL B 174 -12.71 9.21 9.24
CA VAL B 174 -12.45 9.41 10.68
C VAL B 174 -10.99 9.04 10.99
N LYS B 175 -10.42 8.02 10.36
CA LYS B 175 -9.01 7.63 10.60
C LYS B 175 -8.09 8.63 9.90
N PHE B 176 -8.42 9.05 8.68
CA PHE B 176 -7.57 10.02 7.95
C PHE B 176 -7.54 11.40 8.63
N ASN B 177 -8.67 11.87 9.14
CA ASN B 177 -8.78 13.20 9.80
C ASN B 177 -8.00 13.19 11.13
N ALA B 178 -7.70 12.02 11.71
CA ALA B 178 -6.93 11.90 12.98
C ALA B 178 -5.48 12.32 12.72
N LEU B 179 -5.03 12.36 11.45
CA LEU B 179 -3.69 12.88 11.10
C LEU B 179 -3.66 14.43 11.19
N GLU B 180 -4.83 15.10 11.20
CA GLU B 180 -4.94 16.57 11.39
C GLU B 180 -4.14 17.27 10.29
N LEU B 181 -4.23 16.82 9.02
CA LEU B 181 -3.55 17.53 7.92
C LEU B 181 -4.27 18.86 7.66
N ASP B 182 -3.56 19.83 7.11
CA ASP B 182 -4.23 21.05 6.64
C ASP B 182 -4.19 21.13 5.12
N ASP B 183 -4.74 22.20 4.54
CA ASP B 183 -4.83 22.39 3.08
C ASP B 183 -3.43 22.38 2.46
N SER B 184 -2.45 23.00 3.11
N SER B 184 -2.43 22.94 3.14
CA SER B 184 -1.07 23.07 2.59
CA SER B 184 -1.04 23.07 2.64
C SER B 184 -0.52 21.65 2.46
C SER B 184 -0.37 21.69 2.57
N ASP B 185 -0.72 20.81 3.47
CA ASP B 185 -0.26 19.40 3.45
C ASP B 185 -1.01 18.69 2.32
N LEU B 186 -2.32 18.90 2.26
CA LEU B 186 -3.17 18.11 1.34
C LEU B 186 -2.83 18.48 -0.11
N ALA B 187 -2.55 19.75 -0.43
CA ALA B 187 -2.20 20.13 -1.82
C ALA B 187 -1.06 19.24 -2.34
N ILE B 188 -0.06 18.99 -1.53
CA ILE B 188 1.13 18.20 -1.98
C ILE B 188 0.76 16.71 -2.03
N PHE B 189 0.06 16.22 -1.02
CA PHE B 189 -0.38 14.81 -0.98
C PHE B 189 -1.20 14.47 -2.23
N ILE B 190 -2.19 15.31 -2.58
CA ILE B 190 -3.03 15.08 -3.79
C ILE B 190 -2.12 15.06 -5.02
N ALA B 191 -1.10 15.91 -5.10
CA ALA B 191 -0.17 15.91 -6.25
C ALA B 191 0.61 14.57 -6.30
N VAL B 192 1.07 14.09 -5.15
CA VAL B 192 1.77 12.78 -5.07
C VAL B 192 0.84 11.71 -5.61
N ILE B 193 -0.43 11.69 -5.21
CA ILE B 193 -1.42 10.68 -5.69
C ILE B 193 -1.53 10.77 -7.21
N ILE B 194 -1.69 11.96 -7.78
CA ILE B 194 -1.85 12.08 -9.26
C ILE B 194 -0.62 11.47 -9.96
N LEU B 195 0.59 11.72 -9.46
CA LEU B 195 1.84 11.28 -10.15
C LEU B 195 2.22 9.84 -9.70
N SER B 196 1.29 8.89 -9.81
CA SER B 196 1.44 7.46 -9.43
C SER B 196 1.90 6.64 -10.67
N GLY B 197 3.16 6.22 -10.67
CA GLY B 197 3.77 5.53 -11.82
C GLY B 197 3.32 4.08 -11.94
N ASP B 198 2.44 3.60 -11.04
CA ASP B 198 1.96 2.20 -11.07
C ASP B 198 0.58 2.09 -11.71
N ARG B 199 0.02 3.15 -12.30
CA ARG B 199 -1.32 3.05 -12.92
C ARG B 199 -1.22 2.10 -14.12
N PRO B 200 -2.26 1.29 -14.34
CA PRO B 200 -2.25 0.32 -15.43
C PRO B 200 -2.16 1.03 -16.79
N GLY B 201 -1.26 0.54 -17.64
CA GLY B 201 -1.19 0.96 -19.04
C GLY B 201 -0.32 2.18 -19.26
N LEU B 202 0.28 2.77 -18.23
CA LEU B 202 1.11 3.96 -18.46
C LEU B 202 2.20 3.63 -19.48
N LEU B 203 2.52 4.59 -20.33
CA LEU B 203 3.54 4.39 -21.41
C LEU B 203 4.94 4.74 -20.93
N ASN B 204 5.11 5.87 -20.23
CA ASN B 204 6.44 6.36 -19.80
C ASN B 204 6.42 6.53 -18.28
N VAL B 205 6.76 5.47 -17.57
CA VAL B 205 6.68 5.44 -16.07
C VAL B 205 7.76 6.36 -15.49
N LYS B 206 8.99 6.34 -15.98
CA LYS B 206 10.09 7.06 -15.28
C LYS B 206 9.87 8.58 -15.14
N PRO B 207 9.44 9.33 -16.16
CA PRO B 207 9.18 10.76 -15.98
C PRO B 207 8.09 11.04 -14.94
N ILE B 208 7.15 10.11 -14.75
CA ILE B 208 6.09 10.26 -13.72
C ILE B 208 6.73 10.09 -12.34
N GLU B 209 7.50 9.03 -12.16
CA GLU B 209 8.18 8.73 -10.88
C GLU B 209 9.16 9.85 -10.55
N ASP B 210 9.80 10.44 -11.54
CA ASP B 210 10.76 11.55 -11.30
C ASP B 210 9.99 12.74 -10.71
N ILE B 211 8.83 13.08 -11.27
CA ILE B 211 8.01 14.18 -10.68
C ILE B 211 7.54 13.74 -9.30
N GLN B 212 7.05 12.51 -9.16
CA GLN B 212 6.51 12.05 -7.86
C GLN B 212 7.62 12.17 -6.79
N ASP B 213 8.85 11.86 -7.14
CA ASP B 213 9.97 11.86 -6.14
C ASP B 213 10.17 13.29 -5.62
N ASN B 214 10.12 14.26 -6.52
CA ASN B 214 10.23 15.69 -6.16
C ASN B 214 9.03 16.11 -5.28
N LEU B 215 7.83 15.66 -5.60
CA LEU B 215 6.64 16.00 -4.75
C LEU B 215 6.82 15.34 -3.38
N LEU B 216 7.31 14.11 -3.33
CA LEU B 216 7.52 13.38 -2.06
C LEU B 216 8.54 14.14 -1.21
N GLN B 217 9.62 14.63 -1.80
CA GLN B 217 10.61 15.46 -1.07
C GLN B 217 9.90 16.68 -0.49
N ALA B 218 9.04 17.33 -1.27
CA ALA B 218 8.34 18.56 -0.85
C ALA B 218 7.38 18.23 0.30
N LEU B 219 6.68 17.10 0.18
CA LEU B 219 5.71 16.64 1.21
C LEU B 219 6.45 16.36 2.51
N GLU B 220 7.57 15.64 2.43
CA GLU B 220 8.36 15.28 3.64
C GLU B 220 8.75 16.59 4.37
N LEU B 221 9.28 17.54 3.63
CA LEU B 221 9.75 18.82 4.25
C LEU B 221 8.55 19.59 4.81
N GLN B 222 7.44 19.66 4.07
CA GLN B 222 6.19 20.30 4.55
C GLN B 222 5.73 19.69 5.88
N LEU B 223 5.76 18.37 6.02
CA LEU B 223 5.20 17.73 7.25
C LEU B 223 6.17 17.94 8.43
N LYS B 224 7.46 17.92 8.15
CA LYS B 224 8.53 18.18 9.16
C LYS B 224 8.32 19.59 9.73
N LEU B 225 8.02 20.56 8.86
CA LEU B 225 7.95 22.00 9.26
C LEU B 225 6.59 22.31 9.87
N ASN B 226 5.52 21.73 9.34
CA ASN B 226 4.14 22.06 9.75
C ASN B 226 3.71 21.20 10.94
N HIS B 227 4.30 20.02 11.14
CA HIS B 227 3.88 19.06 12.20
C HIS B 227 5.12 18.55 12.92
N PRO B 228 5.93 19.46 13.51
CA PRO B 228 7.23 19.03 14.04
C PRO B 228 7.08 18.00 15.17
N GLU B 229 5.95 17.98 15.88
CA GLU B 229 5.79 17.08 17.07
C GLU B 229 5.11 15.78 16.64
N SER B 230 4.83 15.57 15.34
CA SER B 230 4.04 14.40 14.87
C SER B 230 5.01 13.38 14.29
N SER B 231 5.32 12.38 15.12
CA SER B 231 6.38 11.38 14.86
C SER B 231 5.94 10.53 13.66
N GLN B 232 6.77 10.52 12.64
CA GLN B 232 6.63 9.63 11.47
C GLN B 232 5.28 9.98 10.79
N LEU B 233 4.87 11.24 10.80
CA LEU B 233 3.61 11.62 10.10
C LEU B 233 3.74 11.31 8.61
N PHE B 234 4.89 11.60 7.99
CA PHE B 234 5.12 11.31 6.55
C PHE B 234 4.81 9.83 6.27
N ALA B 235 5.37 8.92 7.07
CA ALA B 235 5.12 7.46 6.92
C ALA B 235 3.64 7.13 7.14
N LYS B 236 3.03 7.67 8.18
CA LYS B 236 1.64 7.37 8.56
CA LYS B 236 1.64 7.35 8.56
C LYS B 236 0.70 7.84 7.44
N LEU B 237 1.03 9.00 6.83
CA LEU B 237 0.24 9.52 5.69
C LEU B 237 0.39 8.58 4.49
N LEU B 238 1.61 8.19 4.14
CA LEU B 238 1.79 7.28 2.99
C LEU B 238 1.09 5.94 3.25
N GLN B 239 1.06 5.46 4.50
CA GLN B 239 0.39 4.17 4.83
C GLN B 239 -1.12 4.29 4.57
N LYS B 240 -1.69 5.51 4.61
CA LYS B 240 -3.14 5.69 4.34
C LYS B 240 -3.46 5.30 2.89
N MET B 241 -2.48 5.21 1.99
CA MET B 241 -2.72 4.71 0.61
C MET B 241 -3.37 3.31 0.63
N THR B 242 -3.10 2.49 1.65
CA THR B 242 -3.66 1.12 1.73
C THR B 242 -5.18 1.23 1.90
N ASP B 243 -5.59 2.07 2.85
CA ASP B 243 -7.00 2.27 3.24
C ASP B 243 -7.67 2.88 2.02
N LEU B 244 -6.99 3.81 1.35
CA LEU B 244 -7.56 4.60 0.23
C LEU B 244 -7.73 3.68 -0.99
N ARG B 245 -6.75 2.81 -1.25
CA ARG B 245 -6.86 1.92 -2.43
C ARG B 245 -7.96 0.89 -2.16
N GLN B 246 -8.12 0.50 -0.91
CA GLN B 246 -9.17 -0.46 -0.48
C GLN B 246 -10.53 0.21 -0.73
N ILE B 247 -10.68 1.47 -0.31
CA ILE B 247 -11.95 2.25 -0.49
C ILE B 247 -12.33 2.25 -1.96
N VAL B 248 -11.34 2.49 -2.82
CA VAL B 248 -11.57 2.68 -4.27
C VAL B 248 -11.88 1.31 -4.88
N THR B 249 -11.11 0.28 -4.56
CA THR B 249 -11.43 -1.10 -5.02
C THR B 249 -12.91 -1.40 -4.72
N GLU B 250 -13.36 -1.21 -3.48
CA GLU B 250 -14.75 -1.46 -3.02
C GLU B 250 -15.71 -0.56 -3.80
N HIS B 251 -15.37 0.72 -3.89
CA HIS B 251 -16.20 1.71 -4.62
C HIS B 251 -16.50 1.22 -6.04
N VAL B 252 -15.49 0.83 -6.80
CA VAL B 252 -15.57 0.36 -8.21
C VAL B 252 -16.51 -0.85 -8.29
N GLN B 253 -16.42 -1.78 -7.34
CA GLN B 253 -17.37 -2.94 -7.21
C GLN B 253 -18.78 -2.42 -6.91
N LEU B 254 -18.97 -1.52 -5.94
CA LEU B 254 -20.31 -0.90 -5.70
C LEU B 254 -20.90 -0.28 -6.98
N LEU B 255 -20.13 0.49 -7.74
CA LEU B 255 -20.63 1.10 -9.01
C LEU B 255 -21.05 0.00 -10.00
N GLN B 256 -20.29 -1.09 -10.10
CA GLN B 256 -20.62 -2.22 -11.03
C GLN B 256 -21.96 -2.83 -10.60
N VAL B 257 -22.15 -3.03 -9.31
CA VAL B 257 -23.44 -3.60 -8.78
C VAL B 257 -24.57 -2.68 -9.20
N ILE B 258 -24.43 -1.36 -8.94
CA ILE B 258 -25.48 -0.34 -9.23
C ILE B 258 -25.77 -0.32 -10.74
N LYS B 259 -24.74 -0.34 -11.58
CA LYS B 259 -24.89 -0.34 -13.06
C LYS B 259 -25.67 -1.60 -13.46
N LYS B 260 -25.31 -2.76 -12.93
CA LYS B 260 -25.80 -4.07 -13.40
C LYS B 260 -27.18 -4.38 -12.81
N THR B 261 -27.61 -3.73 -11.73
CA THR B 261 -28.86 -4.18 -11.02
C THR B 261 -29.87 -3.04 -10.78
N GLU B 262 -29.63 -1.82 -11.23
CA GLU B 262 -30.60 -0.71 -11.00
C GLU B 262 -31.06 -0.19 -12.37
N ASN C 5 -6.18 -21.22 7.16
CA ASN C 5 -6.64 -20.04 8.01
C ASN C 5 -6.78 -20.48 9.47
N MET C 6 -7.59 -21.52 9.71
CA MET C 6 -7.54 -22.35 10.95
C MET C 6 -6.19 -23.07 10.99
N GLY C 7 -5.79 -23.66 9.84
CA GLY C 7 -4.48 -24.31 9.65
C GLY C 7 -3.35 -23.33 9.95
N LEU C 8 -3.43 -22.14 9.37
CA LEU C 8 -2.38 -21.10 9.51
C LEU C 8 -2.26 -20.68 10.99
N GLU C 9 -3.39 -20.42 11.65
CA GLU C 9 -3.40 -20.03 13.07
C GLU C 9 -2.77 -21.14 13.90
N ALA C 10 -3.14 -22.40 13.64
CA ALA C 10 -2.62 -23.55 14.41
C ALA C 10 -1.09 -23.57 14.31
N ILE C 11 -0.54 -23.39 13.12
CA ILE C 11 0.94 -23.47 12.92
C ILE C 11 1.60 -22.30 13.65
N ILE C 12 1.01 -21.10 13.57
CA ILE C 12 1.57 -19.90 14.26
C ILE C 12 1.58 -20.13 15.79
N ARG C 13 0.47 -20.55 16.39
CA ARG C 13 0.42 -20.82 17.85
C ARG C 13 1.46 -21.88 18.22
N LYS C 14 1.58 -22.94 17.43
CA LYS C 14 2.62 -23.98 17.67
C LYS C 14 3.98 -23.30 17.66
N ALA C 15 4.31 -22.52 16.63
CA ALA C 15 5.67 -21.96 16.47
C ALA C 15 5.90 -20.94 17.59
N LEU C 16 4.86 -20.26 18.07
CA LEU C 16 5.03 -19.20 19.09
C LEU C 16 5.42 -19.81 20.45
N MET C 17 4.92 -21.00 20.82
CA MET C 17 4.90 -21.50 22.23
C MET C 17 6.33 -21.78 22.72
N GLY D 7 -17.50 8.75 -21.00
CA GLY D 7 -17.69 8.95 -19.55
C GLY D 7 -16.44 9.53 -18.90
N LEU D 8 -15.75 8.76 -18.06
CA LEU D 8 -14.70 9.32 -17.18
C LEU D 8 -13.55 9.86 -18.04
N GLU D 9 -13.12 9.11 -19.05
CA GLU D 9 -11.99 9.52 -19.94
C GLU D 9 -12.37 10.74 -20.79
N ALA D 10 -13.59 10.79 -21.31
CA ALA D 10 -14.10 11.93 -22.10
C ALA D 10 -14.12 13.20 -21.24
N ILE D 11 -14.57 13.11 -19.98
CA ILE D 11 -14.63 14.31 -19.08
C ILE D 11 -13.20 14.80 -18.93
N ILE D 12 -12.26 13.90 -18.69
CA ILE D 12 -10.84 14.29 -18.43
C ILE D 12 -10.24 14.95 -19.68
N ARG D 13 -10.38 14.33 -20.85
CA ARG D 13 -9.79 14.87 -22.09
C ARG D 13 -10.32 16.29 -22.35
N LYS D 14 -11.63 16.53 -22.20
CA LYS D 14 -12.24 17.86 -22.44
C LYS D 14 -11.64 18.85 -21.43
N ALA D 15 -11.50 18.43 -20.19
CA ALA D 15 -10.93 19.30 -19.13
C ALA D 15 -9.46 19.61 -19.44
N LEU D 16 -8.69 18.65 -19.98
CA LEU D 16 -7.25 18.88 -20.32
C LEU D 16 -7.16 19.96 -21.40
N MET D 17 -8.03 19.94 -22.42
CA MET D 17 -8.34 21.11 -23.28
C MET D 17 -9.25 22.07 -22.50
#